data_7WNI
#
_entry.id   7WNI
#
_cell.length_a   108.685
_cell.length_b   108.685
_cell.length_c   81.580
_cell.angle_alpha   90.000
_cell.angle_beta   90.000
_cell.angle_gamma   90.000
#
_symmetry.space_group_name_H-M   'P 41 21 2'
#
loop_
_entity.id
_entity.type
_entity.pdbx_description
1 polymer 'Isoform 4 of Bromodomain-containing protein 2'
2 non-polymer 7-[2-[2,4-bis(fluoranyl)phenoxy]-5-(2-oxidanylpropan-2-yl)phenyl]-2-[4-(2-hydroxyethyloxy)-3,5-dimethyl-phenyl]-5-methyl-furo[3,2-c]pyridin-4-one
3 non-polymer 1,2-ETHANEDIOL
4 non-polymer DI(HYDROXYETHYL)ETHER
5 water water
#
_entity_poly.entity_id   1
_entity_poly.type   'polypeptide(L)'
_entity_poly.pdbx_seq_one_letter_code
;EGDIHMKKGHHHHHHENLYFQGGSGKLSEQLKHCNGILKELLSKKHAAYAWPFYKPVDASALGLHDYHDIIKHPMDLSTV
KRKMENRDYRDAQEFAADVRLMFSNCYKYNPPDHDVVAMARKLQDVFEFRYAKMPD
;
_entity_poly.pdbx_strand_id   A,B
#
loop_
_chem_comp.id
_chem_comp.type
_chem_comp.name
_chem_comp.formula
EDO non-polymer 1,2-ETHANEDIOL 'C2 H6 O2'
JGU non-polymer 7-[2-[2,4-bis(fluoranyl)phenoxy]-5-(2-oxidanylpropan-2-yl)phenyl]-2-[4-(2-hydroxyethyloxy)-3,5-dimethyl-phenyl]-5-methyl-furo[3,2-c]pyridin-4-one 'C33 H31 F2 N O6'
PEG non-polymer DI(HYDROXYETHYL)ETHER 'C4 H10 O3'
#
# COMPACT_ATOMS: atom_id res chain seq x y z
N LYS A 26 -1.44 14.22 -19.86
CA LYS A 26 -0.23 14.85 -19.30
C LYS A 26 0.02 14.31 -17.87
N LEU A 27 0.66 15.11 -17.00
CA LEU A 27 0.74 14.85 -15.54
C LEU A 27 -0.50 15.36 -14.76
N SER A 28 -1.20 16.37 -15.30
CA SER A 28 -2.44 16.85 -14.67
C SER A 28 -3.63 15.99 -15.07
N GLU A 29 -3.45 15.10 -16.04
CA GLU A 29 -4.42 14.05 -16.27
C GLU A 29 -4.32 12.95 -15.20
N GLN A 30 -3.10 12.58 -14.82
CA GLN A 30 -2.89 11.76 -13.60
C GLN A 30 -3.67 12.32 -12.38
N LEU A 31 -3.49 13.60 -12.10
CA LEU A 31 -4.04 14.23 -10.89
C LEU A 31 -5.55 14.38 -10.93
N LYS A 32 -6.11 14.50 -12.13
CA LYS A 32 -7.57 14.54 -12.31
C LYS A 32 -8.17 13.26 -11.71
N HIS A 33 -7.53 12.14 -12.04
CA HIS A 33 -7.95 10.83 -11.56
C HIS A 33 -7.65 10.65 -10.08
N CYS A 34 -6.54 11.20 -9.58
CA CYS A 34 -6.30 11.25 -8.12
C CYS A 34 -7.39 12.01 -7.35
N ASN A 35 -7.95 13.04 -7.98
CA ASN A 35 -9.16 13.69 -7.45
C ASN A 35 -10.33 12.71 -7.37
N GLY A 36 -10.63 12.01 -8.48
CA GLY A 36 -11.67 10.95 -8.52
C GLY A 36 -11.54 9.84 -7.48
N ILE A 37 -10.29 9.50 -7.13
CA ILE A 37 -9.96 8.54 -6.06
C ILE A 37 -10.31 9.09 -4.67
N LEU A 38 -9.86 10.31 -4.40
CA LEU A 38 -10.19 10.98 -3.15
C LEU A 38 -11.72 11.06 -2.93
N LYS A 39 -12.42 11.49 -3.97
CA LYS A 39 -13.88 11.54 -3.98
C LYS A 39 -14.44 10.22 -3.52
N GLU A 40 -14.03 9.14 -4.18
CA GLU A 40 -14.53 7.81 -3.84
C GLU A 40 -14.25 7.51 -2.37
N LEU A 41 -13.02 7.72 -1.94
CA LEU A 41 -12.63 7.39 -0.58
C LEU A 41 -13.49 8.04 0.50
N LEU A 42 -13.82 9.32 0.32
CA LEU A 42 -14.74 9.99 1.24
C LEU A 42 -16.08 10.13 0.54
N SER A 43 -16.80 9.02 0.41
CA SER A 43 -18.10 9.01 -0.23
C SER A 43 -19.10 8.37 0.72
N LYS A 44 -20.26 8.03 0.16
CA LYS A 44 -21.32 7.46 0.94
C LYS A 44 -20.95 6.02 1.32
N LYS A 45 -20.79 5.16 0.31
CA LYS A 45 -20.59 3.71 0.50
C LYS A 45 -19.49 3.31 1.51
N HIS A 46 -18.31 3.90 1.37
CA HIS A 46 -17.17 3.47 2.19
C HIS A 46 -17.14 4.11 3.57
N ALA A 47 -18.18 4.88 3.89
CA ALA A 47 -18.24 5.63 5.13
C ALA A 47 -18.17 4.81 6.41
N ALA A 48 -18.73 3.60 6.38
CA ALA A 48 -18.64 2.68 7.51
C ALA A 48 -17.22 2.54 8.14
N TYR A 49 -16.22 2.52 7.26
CA TYR A 49 -14.82 2.26 7.60
C TYR A 49 -13.85 3.38 7.18
N ALA A 50 -14.34 4.41 6.48
CA ALA A 50 -13.54 5.58 6.06
C ALA A 50 -13.43 6.68 7.13
N TRP A 51 -14.44 6.80 7.99
CA TRP A 51 -14.61 8.00 8.81
C TRP A 51 -13.47 8.34 9.77
N PRO A 52 -12.72 7.34 10.30
CA PRO A 52 -11.60 7.78 11.19
C PRO A 52 -10.42 8.46 10.49
N PHE A 53 -10.45 8.50 9.16
CA PHE A 53 -9.43 9.15 8.33
C PHE A 53 -9.92 10.43 7.61
N TYR A 54 -11.11 10.95 7.98
CA TYR A 54 -11.70 12.15 7.31
C TYR A 54 -10.95 13.36 7.72
N LYS A 55 -10.61 13.43 8.99
CA LYS A 55 -9.88 14.54 9.58
C LYS A 55 -8.80 14.02 10.49
N PRO A 56 -7.91 14.91 10.93
CA PRO A 56 -6.80 14.42 11.70
C PRO A 56 -7.22 13.69 12.93
N VAL A 57 -6.27 13.01 13.51
CA VAL A 57 -6.54 12.26 14.68
C VAL A 57 -6.50 13.21 15.83
N ASP A 58 -7.66 13.43 16.44
CA ASP A 58 -7.72 14.27 17.61
C ASP A 58 -7.20 13.51 18.81
N ALA A 59 -5.88 13.50 18.96
CA ALA A 59 -5.21 12.79 20.04
C ALA A 59 -5.60 13.41 21.37
N SER A 60 -5.49 14.74 21.42
CA SER A 60 -5.93 15.55 22.56
C SER A 60 -7.27 15.05 23.16
N ALA A 61 -8.27 14.91 22.29
CA ALA A 61 -9.63 14.51 22.64
C ALA A 61 -9.73 13.06 23.04
N LEU A 62 -9.08 12.18 22.27
CA LEU A 62 -9.07 10.74 22.54
C LEU A 62 -8.18 10.35 23.76
N GLY A 63 -7.45 11.31 24.34
CA GLY A 63 -6.66 11.09 25.55
C GLY A 63 -5.37 10.36 25.28
N LEU A 64 -4.75 10.68 24.14
CA LEU A 64 -3.57 9.99 23.62
C LEU A 64 -2.34 10.83 23.88
N HIS A 65 -1.71 10.61 25.04
CA HIS A 65 -0.63 11.47 25.54
C HIS A 65 0.69 11.25 24.80
N ASP A 66 0.71 10.29 23.85
CA ASP A 66 1.89 9.94 23.05
C ASP A 66 1.70 9.87 21.52
N TYR A 67 0.53 10.23 20.99
CA TYR A 67 0.28 10.02 19.55
C TYR A 67 1.29 10.76 18.70
N HIS A 68 1.44 12.05 18.97
CA HIS A 68 2.38 12.90 18.21
C HIS A 68 3.86 12.62 18.55
N ASP A 69 4.15 11.89 19.64
CA ASP A 69 5.50 11.33 19.89
C ASP A 69 5.86 10.22 18.90
N ILE A 70 4.90 9.30 18.70
CA ILE A 70 5.09 8.13 17.85
C ILE A 70 4.91 8.42 16.36
N ILE A 71 3.90 9.22 16.02
CA ILE A 71 3.66 9.64 14.64
C ILE A 71 4.24 11.04 14.41
N LYS A 72 5.34 11.10 13.65
CA LYS A 72 6.08 12.34 13.45
C LYS A 72 5.39 13.14 12.42
N HIS A 73 4.91 12.48 11.37
CA HIS A 73 4.21 13.17 10.27
C HIS A 73 2.81 12.58 10.16
N PRO A 74 1.85 13.13 10.94
CA PRO A 74 0.44 12.86 10.76
C PRO A 74 -0.08 13.11 9.36
N MET A 75 -1.23 12.52 9.06
CA MET A 75 -1.84 12.64 7.75
C MET A 75 -3.25 12.06 7.74
N ASP A 76 -4.11 12.69 6.95
CA ASP A 76 -5.53 12.33 6.83
C ASP A 76 -6.06 12.81 5.50
N LEU A 77 -7.31 12.46 5.19
CA LEU A 77 -7.90 12.78 3.90
C LEU A 77 -8.23 14.25 3.68
N SER A 78 -8.63 14.99 4.73
CA SER A 78 -8.86 16.45 4.56
C SER A 78 -7.54 17.09 4.17
N THR A 79 -6.48 16.72 4.88
CA THR A 79 -5.16 17.24 4.58
C THR A 79 -4.79 16.96 3.15
N VAL A 80 -5.00 15.71 2.71
CA VAL A 80 -4.75 15.32 1.31
C VAL A 80 -5.56 16.17 0.38
N LYS A 81 -6.82 16.38 0.74
CA LYS A 81 -7.75 17.18 -0.05
C LYS A 81 -7.32 18.61 -0.22
N ARG A 82 -6.85 19.23 0.87
CA ARG A 82 -6.30 20.59 0.81
C ARG A 82 -5.11 20.64 -0.12
N LYS A 83 -4.14 19.76 0.11
CA LYS A 83 -2.95 19.69 -0.74
C LYS A 83 -3.29 19.48 -2.20
N MET A 84 -4.29 18.65 -2.49
CA MET A 84 -4.75 18.43 -3.85
C MET A 84 -5.29 19.74 -4.46
N GLU A 85 -6.05 20.53 -3.68
CA GLU A 85 -6.53 21.89 -4.10
C GLU A 85 -5.43 22.91 -4.31
N ASN A 86 -4.58 23.04 -3.29
CA ASN A 86 -3.34 23.88 -3.30
C ASN A 86 -2.33 23.48 -4.38
N ARG A 87 -2.46 22.26 -4.92
CA ARG A 87 -1.63 21.75 -6.02
C ARG A 87 -0.20 21.52 -5.57
N ASP A 88 -0.04 20.89 -4.42
CA ASP A 88 1.25 20.48 -3.87
C ASP A 88 1.73 19.16 -4.48
N TYR A 89 0.83 18.43 -5.15
CA TYR A 89 1.17 17.11 -5.67
C TYR A 89 1.55 17.30 -7.12
N ARG A 90 2.82 17.04 -7.45
CA ARG A 90 3.29 17.09 -8.84
C ARG A 90 2.74 15.98 -9.70
N ASP A 91 2.45 14.85 -9.06
CA ASP A 91 2.09 13.61 -9.75
C ASP A 91 1.33 12.68 -8.79
N ALA A 92 0.70 11.66 -9.37
CA ALA A 92 -0.03 10.64 -8.61
C ALA A 92 0.89 9.93 -7.63
N GLN A 93 2.11 9.65 -8.07
CA GLN A 93 3.15 9.02 -7.24
C GLN A 93 3.29 9.73 -5.90
N GLU A 94 3.19 11.06 -5.88
CA GLU A 94 3.29 11.87 -4.63
C GLU A 94 2.01 11.86 -3.82
N PHE A 95 0.90 11.79 -4.52
CA PHE A 95 -0.45 11.72 -3.94
C PHE A 95 -0.55 10.41 -3.16
N ALA A 96 -0.30 9.32 -3.86
CA ALA A 96 -0.29 8.01 -3.26
C ALA A 96 0.54 8.03 -2.00
N ALA A 97 1.76 8.54 -2.10
CA ALA A 97 2.67 8.69 -0.95
C ALA A 97 2.00 9.06 0.39
N ASP A 98 1.17 10.12 0.33
CA ASP A 98 0.49 10.68 1.52
C ASP A 98 -0.60 9.75 2.00
N VAL A 99 -1.41 9.23 1.06
CA VAL A 99 -2.45 8.21 1.37
C VAL A 99 -1.85 6.95 2.06
N ARG A 100 -0.76 6.45 1.50
CA ARG A 100 -0.03 5.35 2.09
C ARG A 100 0.48 5.77 3.46
N LEU A 101 1.04 6.97 3.57
CA LEU A 101 1.45 7.48 4.87
C LEU A 101 0.32 7.50 5.91
N MET A 102 -0.89 7.87 5.49
CA MET A 102 -2.06 7.89 6.40
C MET A 102 -2.31 6.52 7.02
N PHE A 103 -2.43 5.53 6.12
CA PHE A 103 -2.66 4.14 6.50
C PHE A 103 -1.50 3.61 7.32
N SER A 104 -0.28 3.90 6.89
CA SER A 104 0.89 3.54 7.70
C SER A 104 0.80 3.99 9.14
N ASN A 105 0.51 5.26 9.34
CA ASN A 105 0.52 5.80 10.70
C ASN A 105 -0.47 5.01 11.57
N CYS A 106 -1.65 4.74 11.00
CA CYS A 106 -2.69 3.90 11.65
C CYS A 106 -2.12 2.56 12.15
N TYR A 107 -1.45 1.87 11.22
CA TYR A 107 -0.86 0.56 11.44
C TYR A 107 0.32 0.67 12.42
N LYS A 108 1.06 1.76 12.34
CA LYS A 108 2.20 2.00 13.23
C LYS A 108 1.74 2.14 14.66
N TYR A 109 0.68 2.91 14.90
CA TYR A 109 0.26 3.28 16.29
C TYR A 109 -0.59 2.22 17.02
N ASN A 110 -1.44 1.54 16.26
CA ASN A 110 -2.43 0.60 16.76
C ASN A 110 -1.95 -0.87 16.71
N PRO A 111 -2.23 -1.67 17.76
CA PRO A 111 -2.10 -3.13 17.64
C PRO A 111 -3.05 -3.72 16.55
N PRO A 112 -2.69 -4.84 15.90
CA PRO A 112 -3.39 -5.29 14.65
C PRO A 112 -4.84 -5.78 14.76
N ASP A 113 -5.17 -6.36 15.92
CA ASP A 113 -6.57 -6.72 16.26
C ASP A 113 -7.51 -5.51 16.19
N HIS A 114 -7.19 -4.41 16.88
CA HIS A 114 -8.05 -3.21 17.04
C HIS A 114 -8.83 -2.79 15.78
N ASP A 115 -10.04 -2.26 15.96
CA ASP A 115 -11.02 -2.10 14.86
C ASP A 115 -10.57 -1.11 13.82
N VAL A 116 -10.10 0.07 14.24
CA VAL A 116 -9.48 1.06 13.31
C VAL A 116 -8.62 0.44 12.20
N VAL A 117 -7.84 -0.54 12.60
CA VAL A 117 -6.93 -1.20 11.71
C VAL A 117 -7.70 -1.96 10.64
N ALA A 118 -8.75 -2.65 11.05
CA ALA A 118 -9.59 -3.37 10.09
C ALA A 118 -10.17 -2.44 9.05
N MET A 119 -10.47 -1.22 9.48
CA MET A 119 -11.10 -0.21 8.62
C MET A 119 -10.03 0.41 7.75
N ALA A 120 -8.91 0.71 8.37
CA ALA A 120 -7.74 1.16 7.64
C ALA A 120 -7.47 0.20 6.50
N ARG A 121 -7.28 -1.07 6.85
CA ARG A 121 -7.07 -2.14 5.89
C ARG A 121 -8.14 -2.14 4.81
N LYS A 122 -9.40 -1.96 5.19
CA LYS A 122 -10.49 -2.09 4.23
C LYS A 122 -10.50 -0.93 3.24
N LEU A 123 -10.24 0.28 3.76
CA LEU A 123 -10.11 1.47 2.93
C LEU A 123 -8.87 1.40 2.00
N GLN A 124 -7.69 1.00 2.53
CA GLN A 124 -6.44 0.79 1.72
C GLN A 124 -6.76 -0.12 0.56
N ASP A 125 -7.58 -1.15 0.75
CA ASP A 125 -7.95 -2.08 -0.32
C ASP A 125 -8.75 -1.38 -1.43
N VAL A 126 -9.62 -0.42 -1.06
CA VAL A 126 -10.38 0.39 -2.07
C VAL A 126 -9.46 1.31 -2.89
N PHE A 127 -8.49 1.88 -2.19
CA PHE A 127 -7.49 2.78 -2.76
C PHE A 127 -6.55 2.09 -3.74
N GLU A 128 -5.93 1.00 -3.30
CA GLU A 128 -4.96 0.29 -4.11
C GLU A 128 -5.64 -0.23 -5.33
N PHE A 129 -6.91 -0.63 -5.17
CA PHE A 129 -7.78 -1.05 -6.26
C PHE A 129 -7.87 0.10 -7.22
N ARG A 130 -8.33 1.22 -6.69
CA ARG A 130 -8.68 2.35 -7.52
C ARG A 130 -7.45 3.00 -8.15
N TYR A 131 -6.37 3.08 -7.35
CA TYR A 131 -5.07 3.63 -7.75
C TYR A 131 -4.39 2.79 -8.83
N ALA A 132 -4.35 1.48 -8.62
CA ALA A 132 -3.80 0.57 -9.61
C ALA A 132 -4.58 0.54 -10.94
N LYS A 133 -5.87 0.85 -10.95
CA LYS A 133 -6.64 0.93 -12.20
C LYS A 133 -6.35 2.17 -13.06
N MET A 134 -5.64 3.13 -12.49
CA MET A 134 -5.63 4.51 -12.99
C MET A 134 -4.80 4.74 -14.29
N PRO A 135 -5.45 4.78 -15.49
CA PRO A 135 -4.70 4.77 -16.77
C PRO A 135 -3.56 5.79 -16.88
N SER B 28 20.72 1.28 5.94
CA SER B 28 21.71 0.15 6.00
C SER B 28 21.47 -0.75 7.22
N GLU B 29 21.17 -0.12 8.35
CA GLU B 29 20.66 -0.81 9.54
C GLU B 29 19.13 -1.08 9.38
N GLN B 30 18.43 -0.13 8.74
CA GLN B 30 17.02 -0.33 8.37
C GLN B 30 16.80 -1.35 7.21
N LEU B 31 17.78 -1.54 6.31
CA LEU B 31 17.70 -2.60 5.30
C LEU B 31 17.75 -3.99 5.94
N LYS B 32 18.50 -4.14 7.03
CA LYS B 32 18.54 -5.42 7.77
C LYS B 32 17.17 -5.78 8.33
N HIS B 33 16.36 -4.78 8.65
CA HIS B 33 14.95 -4.98 8.98
C HIS B 33 14.09 -5.34 7.73
N CYS B 34 14.26 -4.60 6.62
CA CYS B 34 13.55 -4.84 5.32
C CYS B 34 13.73 -6.27 4.84
N ASN B 35 14.93 -6.78 5.10
CA ASN B 35 15.26 -8.18 4.87
C ASN B 35 14.39 -9.05 5.78
N GLY B 36 14.41 -8.74 7.08
CA GLY B 36 13.51 -9.36 8.05
C GLY B 36 12.06 -9.46 7.62
N ILE B 37 11.57 -8.43 6.94
CA ILE B 37 10.20 -8.40 6.37
C ILE B 37 10.04 -9.43 5.25
N LEU B 38 10.97 -9.37 4.29
CA LEU B 38 10.96 -10.31 3.16
C LEU B 38 10.99 -11.76 3.63
N LYS B 39 11.79 -12.02 4.65
CA LYS B 39 11.90 -13.34 5.27
C LYS B 39 10.50 -13.75 5.79
N GLU B 40 9.89 -12.88 6.59
CA GLU B 40 8.52 -13.11 7.12
C GLU B 40 7.49 -13.23 5.98
N LEU B 41 7.65 -12.48 4.90
CA LEU B 41 6.70 -12.57 3.78
C LEU B 41 6.69 -13.91 3.09
N LEU B 42 7.84 -14.58 3.15
CA LEU B 42 8.05 -15.90 2.56
C LEU B 42 7.95 -17.06 3.55
N SER B 43 7.75 -16.82 4.86
CA SER B 43 7.58 -17.95 5.79
C SER B 43 6.26 -18.73 5.53
N LYS B 44 6.21 -19.94 6.10
CA LYS B 44 5.17 -20.93 5.76
C LYS B 44 3.78 -20.58 6.28
N LYS B 45 3.68 -19.71 7.29
CA LYS B 45 2.40 -19.24 7.88
C LYS B 45 1.45 -18.75 6.77
N HIS B 46 2.01 -17.84 5.97
CA HIS B 46 1.26 -17.06 5.00
C HIS B 46 1.24 -17.77 3.65
N ALA B 47 1.81 -18.96 3.57
CA ALA B 47 2.03 -19.63 2.30
C ALA B 47 0.73 -19.93 1.57
N ALA B 48 -0.37 -20.10 2.31
CA ALA B 48 -1.71 -20.31 1.72
C ALA B 48 -2.11 -19.29 0.64
N TYR B 49 -1.77 -18.03 0.94
CA TYR B 49 -2.06 -16.84 0.10
C TYR B 49 -0.80 -16.17 -0.50
N ALA B 50 0.39 -16.49 -0.02
CA ALA B 50 1.65 -15.85 -0.47
C ALA B 50 2.22 -16.40 -1.77
N TRP B 51 1.90 -17.65 -2.05
CA TRP B 51 2.56 -18.38 -3.12
C TRP B 51 2.51 -17.72 -4.51
N PRO B 52 1.39 -17.05 -4.90
CA PRO B 52 1.36 -16.53 -6.29
C PRO B 52 2.31 -15.39 -6.55
N PHE B 53 3.00 -14.96 -5.50
CA PHE B 53 3.97 -13.88 -5.55
C PHE B 53 5.40 -14.35 -5.23
N TYR B 54 5.62 -15.66 -5.01
CA TYR B 54 6.98 -16.22 -4.88
C TYR B 54 7.73 -16.20 -6.21
N LYS B 55 7.00 -16.48 -7.28
CA LYS B 55 7.58 -16.60 -8.60
C LYS B 55 6.89 -15.59 -9.51
N PRO B 56 7.63 -15.04 -10.50
CA PRO B 56 6.99 -14.12 -11.44
C PRO B 56 5.76 -14.76 -12.06
N VAL B 57 4.84 -13.96 -12.56
CA VAL B 57 3.64 -14.52 -13.17
C VAL B 57 4.04 -15.26 -14.43
N ASP B 58 3.50 -16.44 -14.64
CA ASP B 58 3.83 -17.19 -15.85
C ASP B 58 2.72 -16.92 -16.83
N ALA B 59 2.78 -15.74 -17.43
CA ALA B 59 1.77 -15.33 -18.37
C ALA B 59 1.73 -16.22 -19.60
N SER B 60 2.88 -16.78 -19.95
CA SER B 60 2.95 -17.69 -21.11
C SER B 60 2.01 -18.90 -20.89
N ALA B 61 2.29 -19.66 -19.83
CA ALA B 61 1.56 -20.88 -19.49
C ALA B 61 0.08 -20.67 -19.15
N LEU B 62 -0.22 -19.58 -18.45
CA LEU B 62 -1.60 -19.24 -18.08
C LEU B 62 -2.40 -18.68 -19.27
N GLY B 63 -1.77 -18.52 -20.43
CA GLY B 63 -2.44 -18.04 -21.62
C GLY B 63 -2.82 -16.57 -21.59
N LEU B 64 -2.13 -15.79 -20.76
CA LEU B 64 -2.42 -14.38 -20.56
C LEU B 64 -1.66 -13.58 -21.61
N HIS B 65 -2.12 -13.65 -22.86
CA HIS B 65 -1.44 -12.99 -23.99
C HIS B 65 -1.23 -11.49 -23.81
N ASP B 66 -2.12 -10.83 -23.07
CA ASP B 66 -2.02 -9.42 -22.80
C ASP B 66 -1.24 -9.01 -21.53
N TYR B 67 -0.71 -9.95 -20.73
CA TYR B 67 -0.16 -9.59 -19.39
C TYR B 67 0.95 -8.54 -19.41
N HIS B 68 1.89 -8.67 -20.34
CA HIS B 68 3.06 -7.78 -20.39
C HIS B 68 2.83 -6.50 -21.17
N ASP B 69 1.78 -6.46 -21.98
CA ASP B 69 1.30 -5.20 -22.54
C ASP B 69 0.69 -4.28 -21.46
N ILE B 70 0.18 -4.87 -20.38
CA ILE B 70 -0.47 -4.12 -19.29
C ILE B 70 0.46 -3.92 -18.11
N ILE B 71 1.10 -5.00 -17.71
CA ILE B 71 2.07 -4.95 -16.64
C ILE B 71 3.41 -4.74 -17.32
N LYS B 72 3.87 -3.50 -17.24
CA LYS B 72 5.07 -3.05 -17.92
C LYS B 72 6.29 -3.23 -17.06
N HIS B 73 6.13 -3.27 -15.74
CA HIS B 73 7.26 -3.49 -14.84
C HIS B 73 6.89 -4.62 -13.86
N PRO B 74 6.92 -5.87 -14.36
CA PRO B 74 6.69 -6.99 -13.48
C PRO B 74 7.56 -6.98 -12.27
N MET B 75 7.05 -7.66 -11.25
CA MET B 75 7.69 -7.75 -9.96
C MET B 75 7.04 -8.89 -9.17
N ASP B 76 7.89 -9.62 -8.45
CA ASP B 76 7.47 -10.65 -7.49
C ASP B 76 8.51 -10.70 -6.35
N LEU B 77 8.27 -11.53 -5.34
CA LEU B 77 9.16 -11.59 -4.15
C LEU B 77 10.56 -12.16 -4.40
N SER B 78 10.70 -13.07 -5.37
CA SER B 78 12.02 -13.61 -5.75
C SER B 78 12.86 -12.52 -6.37
N THR B 79 12.28 -11.78 -7.33
CA THR B 79 12.98 -10.63 -7.91
C THR B 79 13.40 -9.62 -6.86
N VAL B 80 12.56 -9.42 -5.84
CA VAL B 80 12.88 -8.55 -4.72
C VAL B 80 14.04 -9.11 -3.90
N LYS B 81 14.06 -10.42 -3.70
CA LYS B 81 15.13 -11.07 -2.96
C LYS B 81 16.51 -10.91 -3.64
N ARG B 82 16.59 -11.28 -4.93
CA ARG B 82 17.77 -11.03 -5.77
CA ARG B 82 17.77 -11.00 -5.79
C ARG B 82 18.31 -9.61 -5.47
N LYS B 83 17.44 -8.61 -5.58
CA LYS B 83 17.84 -7.23 -5.40
C LYS B 83 18.40 -6.95 -4.00
N MET B 84 17.76 -7.52 -2.98
CA MET B 84 18.22 -7.35 -1.59
C MET B 84 19.62 -7.96 -1.45
N GLU B 85 19.77 -9.20 -1.94
CA GLU B 85 21.08 -9.85 -2.05
C GLU B 85 22.08 -8.91 -2.77
N ASN B 86 21.72 -8.44 -3.97
CA ASN B 86 22.58 -7.52 -4.77
C ASN B 86 22.71 -6.06 -4.28
N ARG B 87 22.23 -5.72 -3.06
CA ARG B 87 22.39 -4.37 -2.51
C ARG B 87 21.90 -3.28 -3.49
N ASP B 88 20.75 -3.52 -4.14
CA ASP B 88 20.13 -2.59 -5.10
C ASP B 88 19.26 -1.55 -4.41
N TYR B 89 18.63 -2.00 -3.33
CA TYR B 89 17.82 -1.15 -2.50
C TYR B 89 18.73 -0.28 -1.64
N ARG B 90 18.72 1.03 -1.91
CA ARG B 90 19.51 2.00 -1.16
C ARG B 90 18.91 2.24 0.21
N ASP B 91 17.63 2.60 0.24
CA ASP B 91 16.89 2.90 1.50
C ASP B 91 15.77 1.85 1.70
N ALA B 92 14.94 1.99 2.74
CA ALA B 92 13.78 1.10 2.93
C ALA B 92 12.65 1.50 2.00
N GLN B 93 12.69 2.74 1.53
CA GLN B 93 11.66 3.31 0.65
C GLN B 93 11.66 2.56 -0.67
N GLU B 94 12.84 2.39 -1.29
CA GLU B 94 12.99 1.64 -2.55
C GLU B 94 12.50 0.18 -2.46
N PHE B 95 12.73 -0.45 -1.29
CA PHE B 95 12.26 -1.82 -1.01
C PHE B 95 10.75 -1.89 -1.07
N ALA B 96 10.12 -0.97 -0.36
CA ALA B 96 8.67 -0.93 -0.35
C ALA B 96 8.09 -0.73 -1.76
N ALA B 97 8.63 0.25 -2.49
CA ALA B 97 8.25 0.59 -3.87
C ALA B 97 7.99 -0.64 -4.70
N ASP B 98 8.96 -1.56 -4.68
CA ASP B 98 8.87 -2.84 -5.41
C ASP B 98 7.83 -3.76 -4.80
N VAL B 99 7.81 -3.89 -3.48
CA VAL B 99 6.83 -4.78 -2.83
C VAL B 99 5.40 -4.33 -3.15
N ARG B 100 5.16 -3.03 -3.07
CA ARG B 100 3.86 -2.51 -3.42
C ARG B 100 3.60 -2.68 -4.88
N LEU B 101 4.60 -2.40 -5.72
CA LEU B 101 4.45 -2.61 -7.16
C LEU B 101 3.92 -4.00 -7.52
N MET B 102 4.39 -5.01 -6.78
CA MET B 102 3.90 -6.39 -6.94
C MET B 102 2.36 -6.46 -6.79
N PHE B 103 1.89 -5.96 -5.65
CA PHE B 103 0.48 -5.95 -5.36
C PHE B 103 -0.31 -5.11 -6.36
N SER B 104 0.24 -3.94 -6.74
CA SER B 104 -0.46 -3.07 -7.68
C SER B 104 -0.66 -3.75 -9.00
N ASN B 105 0.37 -4.49 -9.45
CA ASN B 105 0.31 -5.20 -10.75
C ASN B 105 -0.84 -6.18 -10.72
N CYS B 106 -0.94 -6.89 -9.59
CA CYS B 106 -2.05 -7.81 -9.31
C CYS B 106 -3.43 -7.14 -9.40
N TYR B 107 -3.60 -6.01 -8.71
CA TYR B 107 -4.90 -5.29 -8.73
C TYR B 107 -5.19 -4.73 -10.13
N LYS B 108 -4.15 -4.21 -10.80
CA LYS B 108 -4.31 -3.64 -12.13
C LYS B 108 -4.77 -4.68 -13.12
N TYR B 109 -4.06 -5.80 -13.20
CA TYR B 109 -4.38 -6.82 -14.22
C TYR B 109 -5.69 -7.56 -13.96
N ASN B 110 -5.99 -7.80 -12.68
CA ASN B 110 -7.06 -8.69 -12.25
C ASN B 110 -8.37 -7.98 -11.81
N PRO B 111 -9.55 -8.46 -12.31
CA PRO B 111 -10.86 -8.10 -11.75
C PRO B 111 -10.86 -8.33 -10.25
N PRO B 112 -11.48 -7.44 -9.46
CA PRO B 112 -11.25 -7.41 -7.98
C PRO B 112 -11.89 -8.55 -7.14
N ASP B 113 -12.95 -9.18 -7.66
CA ASP B 113 -13.47 -10.45 -7.11
C ASP B 113 -12.40 -11.57 -7.07
N HIS B 114 -11.73 -11.89 -8.19
CA HIS B 114 -10.81 -13.08 -8.28
C HIS B 114 -9.97 -13.33 -7.03
N ASP B 115 -9.67 -14.60 -6.76
CA ASP B 115 -9.11 -15.02 -5.44
C ASP B 115 -7.68 -14.51 -5.25
N VAL B 116 -6.93 -14.47 -6.34
CA VAL B 116 -5.57 -13.92 -6.34
C VAL B 116 -5.52 -12.49 -5.78
N VAL B 117 -6.54 -11.69 -6.10
CA VAL B 117 -6.67 -10.34 -5.58
C VAL B 117 -6.83 -10.47 -4.08
N ALA B 118 -7.81 -11.27 -3.64
CA ALA B 118 -8.10 -11.43 -2.21
C ALA B 118 -6.95 -12.05 -1.36
N MET B 119 -6.06 -12.80 -2.01
CA MET B 119 -4.78 -13.25 -1.40
C MET B 119 -3.76 -12.10 -1.32
N ALA B 120 -3.67 -11.34 -2.42
CA ALA B 120 -2.77 -10.20 -2.53
C ALA B 120 -3.01 -9.26 -1.37
N ARG B 121 -4.28 -8.87 -1.24
CA ARG B 121 -4.76 -8.05 -0.15
C ARG B 121 -4.29 -8.65 1.13
N LYS B 122 -4.55 -9.94 1.32
CA LYS B 122 -4.12 -10.65 2.52
C LYS B 122 -2.64 -10.46 2.78
N LEU B 123 -1.81 -10.69 1.76
CA LEU B 123 -0.37 -10.61 1.97
C LEU B 123 0.09 -9.17 2.21
N GLN B 124 -0.37 -8.24 1.39
CA GLN B 124 -0.10 -6.81 1.62
C GLN B 124 -0.40 -6.39 3.07
N ASP B 125 -1.56 -6.79 3.57
CA ASP B 125 -1.96 -6.45 4.95
C ASP B 125 -0.86 -6.83 5.96
N VAL B 126 -0.23 -7.99 5.78
CA VAL B 126 0.93 -8.38 6.61
C VAL B 126 2.13 -7.48 6.40
N PHE B 127 2.37 -7.14 5.13
CA PHE B 127 3.52 -6.33 4.73
C PHE B 127 3.49 -4.97 5.41
N GLU B 128 2.38 -4.28 5.17
CA GLU B 128 2.19 -2.93 5.64
C GLU B 128 2.24 -2.95 7.16
N PHE B 129 1.82 -4.07 7.79
CA PHE B 129 1.95 -4.31 9.25
C PHE B 129 3.40 -4.15 9.65
N ARG B 130 4.26 -4.95 9.04
CA ARG B 130 5.66 -5.03 9.47
C ARG B 130 6.44 -3.76 9.12
N TYR B 131 6.12 -3.19 7.95
CA TYR B 131 6.77 -1.98 7.46
C TYR B 131 6.51 -0.76 8.32
N ALA B 132 5.29 -0.65 8.84
CA ALA B 132 4.92 0.44 9.74
C ALA B 132 5.61 0.22 11.06
N LYS B 133 5.61 -1.03 11.54
CA LYS B 133 6.27 -1.37 12.82
C LYS B 133 7.78 -1.15 12.82
N MET B 134 8.38 -1.27 11.64
CA MET B 134 9.81 -1.13 11.50
C MET B 134 10.36 0.14 12.21
N PRO B 135 11.25 -0.05 13.22
CA PRO B 135 12.06 1.07 13.73
C PRO B 135 12.96 1.70 12.66
FBP JGU C . -12.41 4.35 14.70
CBJ JGU C . -12.55 4.00 16.16
CBK JGU C . -13.46 3.01 16.59
CBL JGU C . -13.58 2.69 17.97
FBO JGU C . -14.65 1.52 18.44
CBM JGU C . -12.78 3.40 18.91
CBN JGU C . -11.88 4.40 18.48
CBC JGU C . -11.78 4.70 17.09
OBB JGU C . -10.92 5.63 16.55
CAR JGU C . -11.13 7.00 16.40
CAQ JGU C . -12.29 7.69 16.80
CAP JGU C . -12.45 9.07 16.66
CAO JGU C . -11.42 9.83 16.09
CAX JGU C . -11.51 11.23 15.93
CAY JGU C . -11.17 11.84 17.29
CAZ JGU C . -12.89 11.66 15.46
OBA JGU C . -10.57 11.77 14.98
CAN JGU C . -10.26 9.15 15.70
CAJ JGU C . -10.08 7.77 15.83
CAF JGU C . -8.85 7.22 15.40
CAE JGU C . -8.45 7.36 14.07
NAD JGU C . -7.22 6.82 13.67
CAK JGU C . -6.91 7.01 12.26
CAC JGU C . -6.43 6.14 14.59
OAL JGU C . -5.33 5.64 14.26
CAB JGU C . -6.84 6.04 15.88
CAI JGU C . -6.32 5.47 16.99
CAA JGU C . -8.02 6.58 16.26
OAG JGU C . -8.20 6.32 17.56
CAH JGU C . -7.18 5.69 18.01
CAM JGU C . -7.16 5.26 19.28
CAW JGU C . -6.26 4.29 19.76
CAV JGU C . -6.34 3.81 21.09
CBF JGU C . -5.40 2.86 21.55
CAS JGU C . -8.19 5.69 20.13
CAT JGU C . -8.28 5.23 21.45
CBD JGU C . -9.31 5.74 22.26
CAU JGU C . -7.35 4.30 21.92
OBE JGU C . -7.41 3.85 23.24
CBG JGU C . -6.63 4.80 24.02
CBH JGU C . -6.79 4.57 25.51
OBI JGU C . -8.14 4.20 25.75
C1 EDO D . -16.22 1.47 -5.67
O1 EDO D . -15.60 0.68 -4.63
C2 EDO D . -15.31 1.62 -6.89
O2 EDO D . -14.21 2.50 -6.62
C1 EDO E . -12.03 -3.79 20.18
O1 EDO E . -12.46 -5.09 19.75
C2 EDO E . -10.51 -3.69 20.13
O2 EDO E . -10.09 -2.33 19.87
C1 EDO F . -9.18 2.10 19.51
O1 EDO F . -10.34 2.03 20.34
C2 EDO F . -8.93 0.84 18.68
O2 EDO F . -9.96 0.61 17.71
C1 PEG G . -2.50 -3.81 8.24
O1 PEG G . -2.26 -3.19 6.98
C2 PEG G . -1.39 -3.67 9.24
O2 PEG G . -1.92 -3.30 10.52
C3 PEG G . -1.52 -4.05 11.66
C4 PEG G . -0.76 -3.16 12.66
O4 PEG G . -1.61 -2.26 13.38
FBP JGU H . -2.56 -17.52 -7.84
CBJ JGU H . -3.87 -17.85 -8.37
CBK JGU H . -4.87 -18.28 -7.49
CBL JGU H . -6.13 -18.62 -7.98
FBO JGU H . -7.21 -19.10 -7.02
CBM JGU H . -6.41 -18.50 -9.36
CBN JGU H . -5.43 -18.06 -10.27
CBC JGU H . -4.16 -17.76 -9.74
OBB JGU H . -3.21 -17.33 -10.57
CAR JGU H . -1.94 -17.86 -10.73
CAQ JGU H . -1.69 -19.22 -10.82
CAP JGU H . -0.39 -19.70 -11.04
CAO JGU H . 0.69 -18.83 -11.17
CAX JGU H . 2.02 -19.33 -11.43
CAY JGU H . 1.98 -19.75 -12.90
CAZ JGU H . 2.45 -20.49 -10.51
OBA JGU H . 3.06 -18.34 -11.31
CAN JGU H . 0.41 -17.46 -11.11
CAJ JGU H . -0.88 -16.95 -10.89
CAF JGU H . -1.08 -15.53 -10.85
CAE JGU H . -0.31 -14.71 -10.02
NAD JGU H . -0.53 -13.34 -10.04
CAK JGU H . 0.32 -12.53 -9.13
CAC JGU H . -1.52 -12.80 -10.84
OAL JGU H . -1.75 -11.58 -10.86
CAB JGU H . -2.24 -13.63 -11.63
CAI JGU H . -3.24 -13.49 -12.50
CAA JGU H . -2.01 -14.95 -11.63
OAG JGU H . -2.87 -15.50 -12.49
CAH JGU H . -3.55 -14.69 -13.00
CAM JGU H . -4.53 -15.08 -13.83
CAW JGU H . -5.45 -14.18 -14.39
CAV JGU H . -6.52 -14.63 -15.21
CBF JGU H . -7.43 -13.75 -15.84
CAS JGU H . -4.75 -16.44 -14.01
CAT JGU H . -5.81 -16.89 -14.82
CBD JGU H . -6.00 -18.25 -15.05
CAU JGU H . -6.67 -15.99 -15.41
OBE JGU H . -7.70 -16.44 -16.18
CBG JGU H . -7.47 -16.54 -17.60
CBH JGU H . -8.74 -16.06 -18.27
OBI JGU H . -9.73 -17.06 -18.07
C1 EDO I . -2.48 -9.73 11.33
O1 EDO I . -2.48 -10.11 9.95
C2 EDO I . -1.17 -8.99 11.56
O2 EDO I . -0.43 -9.64 12.59
#